data_1JBT
#
_entry.id   1JBT
#
_cell.length_a   62.001
_cell.length_b   102.822
_cell.length_c   41.617
_cell.angle_alpha   90.00
_cell.angle_beta   93.88
_cell.angle_gamma   90.00
#
_symmetry.space_group_name_H-M   'P 1 21 1'
#
loop_
_entity.id
_entity.type
_entity.pdbx_description
1 polymer '29-MER SARCIN/RICIN DOMAIN RNA ANALOG'
2 polymer RESTRICTOCIN
3 non-polymer 'POTASSIUM ION'
#
loop_
_entity_poly.entity_id
_entity_poly.type
_entity_poly.pdbx_seq_one_letter_code
_entity_poly.pdbx_strand_id
1 'polyribonucleotide' CGCUCCUCAGUACGAGAGGAACCGGAGCG C,D
2 'polypeptide(L)'
;ATWTCINQQLNPKTNKWEDKRLLYSQAKAESNSHHAPLSDGKTGSSYPHWFTNGYDGNGKLIKGRTPIKFGKADCDRPPK
HSQNGMGKDDHYLLEFPTFPDGHDYKFDSKKPKEDPGPARVIYTYPNKVFCGIVAHQRGNQGDLRLCSH
;
A,B
#
loop_
_chem_comp.id
_chem_comp.type
_chem_comp.name
_chem_comp.formula
A RNA linking ADENOSINE-5'-MONOPHOSPHATE 'C10 H14 N5 O7 P'
C RNA linking CYTIDINE-5'-MONOPHOSPHATE 'C9 H14 N3 O8 P'
G RNA linking GUANOSINE-5'-MONOPHOSPHATE 'C10 H14 N5 O8 P'
K non-polymer 'POTASSIUM ION' 'K 1'
U RNA linking URIDINE-5'-MONOPHOSPHATE 'C9 H13 N2 O9 P'
#
# COMPACT_ATOMS: atom_id res chain seq x y z
N ALA C 1 31.74 50.20 13.82
CA ALA C 1 32.56 50.28 12.56
C ALA C 1 31.78 49.74 11.38
N THR C 2 32.50 49.20 10.40
CA THR C 2 31.87 48.66 9.19
C THR C 2 32.76 47.67 8.44
N TRP C 3 32.27 46.44 8.32
CA TRP C 3 33.01 45.38 7.64
C TRP C 3 32.62 45.15 6.20
N THR C 4 33.64 45.09 5.34
CA THR C 4 33.42 44.86 3.92
C THR C 4 33.52 43.36 3.65
N CYS C 5 32.45 42.75 3.15
CA CYS C 5 32.46 41.32 2.85
C CYS C 5 32.27 41.10 1.36
N ILE C 6 33.09 40.24 0.75
CA ILE C 6 32.97 39.95 -0.68
C ILE C 6 32.30 38.60 -0.85
N ASN C 7 31.33 38.54 -1.76
CA ASN C 7 30.57 37.33 -1.99
C ASN C 7 30.02 37.25 -3.41
N GLN C 8 30.03 36.04 -3.96
CA GLN C 8 29.51 35.82 -5.29
C GLN C 8 28.05 35.44 -5.19
N GLN C 9 27.18 36.27 -5.74
CA GLN C 9 25.76 35.98 -5.70
C GLN C 9 25.14 35.93 -7.05
N LEU C 10 24.21 34.99 -7.21
CA LEU C 10 23.50 34.89 -8.48
C LEU C 10 22.30 35.84 -8.41
N ASN C 11 22.63 37.14 -8.36
CA ASN C 11 21.66 38.26 -8.31
C ASN C 11 20.39 37.78 -9.00
N PRO C 12 19.42 37.28 -8.22
CA PRO C 12 18.19 36.83 -8.88
C PRO C 12 17.56 37.94 -9.72
N LYS C 13 17.96 39.18 -9.44
CA LYS C 13 17.49 40.36 -10.19
C LYS C 13 18.31 40.39 -11.48
N THR C 14 18.78 39.21 -11.88
CA THR C 14 19.62 39.03 -13.07
C THR C 14 19.76 37.54 -13.37
N ASN C 15 20.28 36.78 -12.41
CA ASN C 15 20.49 35.33 -12.51
C ASN C 15 21.94 34.94 -12.51
N LYS C 16 22.75 35.71 -13.22
CA LYS C 16 24.18 35.46 -13.34
C LYS C 16 24.93 35.51 -12.02
N TRP C 17 26.16 34.99 -12.01
CA TRP C 17 27.03 34.99 -10.82
C TRP C 17 27.73 36.34 -10.68
N GLU C 18 27.24 37.18 -9.77
CA GLU C 18 27.82 38.51 -9.57
C GLU C 18 28.66 38.61 -8.30
N ASP C 19 29.72 39.42 -8.36
CA ASP C 19 30.63 39.60 -7.23
C ASP C 19 30.29 40.79 -6.37
N LYS C 20 29.27 40.64 -5.54
CA LYS C 20 28.85 41.72 -4.66
C LYS C 20 29.89 42.03 -3.60
N ARG C 21 29.79 43.23 -3.05
CA ARG C 21 30.67 43.73 -2.00
C ARG C 21 29.78 44.27 -0.88
N LEU C 22 29.48 43.42 0.09
CA LEU C 22 28.58 43.80 1.18
C LEU C 22 29.26 44.50 2.36
N LEU C 23 28.63 45.56 2.83
CA LEU C 23 29.15 46.36 3.94
C LEU C 23 28.30 46.17 5.20
N TYR C 24 28.93 45.79 6.30
CA TYR C 24 28.20 45.56 7.54
C TYR C 24 28.63 46.48 8.66
N SER C 25 27.66 46.98 9.40
CA SER C 25 27.91 47.88 10.53
C SER C 25 28.26 47.06 11.76
N GLN C 26 29.49 47.20 12.25
CA GLN C 26 29.86 46.43 13.42
C GLN C 26 28.87 46.67 14.56
N ALA C 27 28.50 47.93 14.75
CA ALA C 27 27.56 48.29 15.78
C ALA C 27 26.30 47.45 15.67
N LYS C 28 25.69 47.48 14.49
CA LYS C 28 24.46 46.72 14.24
C LYS C 28 24.61 45.22 14.41
N ALA C 29 25.77 44.68 14.01
CA ALA C 29 26.05 43.25 14.11
C ALA C 29 25.98 42.83 15.56
N GLU C 30 26.59 43.63 16.43
CA GLU C 30 26.57 43.38 17.86
C GLU C 30 25.14 43.43 18.36
N SER C 31 24.41 44.45 17.94
CA SER C 31 23.03 44.56 18.35
C SER C 31 22.38 43.23 18.05
N ASN C 32 22.64 42.72 16.85
CA ASN C 32 22.07 41.45 16.42
C ASN C 32 22.31 40.34 17.45
N SER C 33 23.59 40.12 17.78
CA SER C 33 23.98 39.07 18.73
C SER C 33 23.42 39.25 20.12
N HIS C 34 22.93 40.45 20.44
CA HIS C 34 22.38 40.72 21.76
C HIS C 34 20.90 40.37 21.82
N HIS C 35 20.18 40.76 20.78
CA HIS C 35 18.77 40.47 20.72
C HIS C 35 18.59 38.97 20.43
N ALA C 36 19.70 38.32 20.07
CA ALA C 36 19.69 36.89 19.78
C ALA C 36 19.86 36.10 21.08
N PRO C 37 19.18 34.94 21.18
CA PRO C 37 19.28 34.12 22.39
C PRO C 37 20.71 33.61 22.56
N LEU C 38 21.04 33.24 23.79
CA LEU C 38 22.38 32.76 24.09
C LEU C 38 22.38 31.23 24.21
N SER C 39 21.86 30.55 23.19
CA SER C 39 21.79 29.09 23.19
C SER C 39 22.54 28.48 22.01
N ASP C 40 22.74 27.17 22.05
CA ASP C 40 23.43 26.47 20.97
C ASP C 40 22.47 25.82 20.00
N GLY C 41 22.02 26.64 19.07
CA GLY C 41 21.10 26.21 18.03
C GLY C 41 19.99 25.22 18.31
N LYS C 42 19.20 25.43 19.34
CA LYS C 42 18.08 24.50 19.55
C LYS C 42 16.82 25.30 19.24
N THR C 43 16.96 26.15 18.24
CA THR C 43 15.91 27.03 17.77
C THR C 43 15.45 26.49 16.41
N GLY C 44 14.35 27.02 15.90
CA GLY C 44 13.87 26.55 14.62
C GLY C 44 14.80 26.76 13.45
N SER C 45 15.54 27.85 13.47
CA SER C 45 16.46 28.17 12.38
C SER C 45 17.74 27.41 12.59
N SER C 46 18.08 27.22 13.85
CA SER C 46 19.29 26.54 14.28
C SER C 46 20.33 27.57 14.65
N TYR C 47 19.93 28.83 14.67
CA TYR C 47 20.88 29.86 15.07
C TYR C 47 20.39 30.54 16.34
N PRO C 48 21.31 31.04 17.16
CA PRO C 48 22.75 30.97 16.90
C PRO C 48 23.27 29.59 17.26
N HIS C 49 24.42 29.24 16.74
CA HIS C 49 24.98 27.94 17.05
C HIS C 49 26.51 27.96 16.92
N TRP C 50 27.15 27.05 17.63
CA TRP C 50 28.59 26.96 17.70
C TRP C 50 29.37 27.04 16.39
N PHE C 51 30.37 27.90 16.42
CA PHE C 51 31.26 28.09 15.30
C PHE C 51 32.59 27.48 15.76
N THR C 52 32.82 26.23 15.36
CA THR C 52 34.03 25.51 15.73
C THR C 52 35.32 26.24 15.35
N ASN C 53 35.27 26.92 14.21
CA ASN C 53 36.42 27.66 13.70
C ASN C 53 37.62 26.76 13.47
N GLY C 54 37.37 25.49 13.16
CA GLY C 54 38.44 24.55 12.91
C GLY C 54 38.72 23.63 14.09
N TYR C 55 38.20 23.99 15.27
CA TYR C 55 38.38 23.22 16.50
C TYR C 55 37.37 22.11 16.78
N ASP C 56 37.65 21.36 17.84
CA ASP C 56 36.80 20.29 18.29
C ASP C 56 36.36 20.66 19.70
N GLY C 57 35.48 19.87 20.30
CA GLY C 57 34.99 20.16 21.64
C GLY C 57 36.02 20.26 22.74
N ASN C 58 37.20 19.67 22.53
CA ASN C 58 38.28 19.69 23.52
C ASN C 58 38.98 21.06 23.52
N GLY C 59 39.38 21.48 22.34
CA GLY C 59 40.10 22.73 22.17
C GLY C 59 41.23 22.38 21.23
N LYS C 60 41.35 21.09 20.95
CA LYS C 60 42.37 20.58 20.04
C LYS C 60 41.89 21.01 18.67
N LEU C 61 42.81 21.20 17.74
CA LEU C 61 42.46 21.64 16.41
C LEU C 61 42.41 20.50 15.41
N ILE C 62 41.30 20.43 14.67
CA ILE C 62 41.05 19.40 13.65
C ILE C 62 42.14 19.38 12.56
N LYS C 63 42.30 18.21 11.94
CA LYS C 63 43.29 18.04 10.90
C LYS C 63 43.09 19.05 9.77
N GLY C 64 44.11 19.23 8.93
CA GLY C 64 44.05 20.15 7.80
C GLY C 64 43.23 21.42 8.01
N ARG C 65 43.26 21.96 9.23
CA ARG C 65 42.52 23.16 9.57
C ARG C 65 43.41 24.33 9.97
N THR C 66 42.86 25.54 9.87
CA THR C 66 43.55 26.78 10.22
C THR C 66 42.49 27.79 10.68
N PRO C 67 42.42 28.05 11.99
CA PRO C 67 41.45 28.99 12.55
C PRO C 67 41.48 30.35 11.87
N ILE C 68 40.43 31.14 12.12
CA ILE C 68 40.35 32.47 11.56
C ILE C 68 41.32 33.35 12.36
N LYS C 69 42.11 34.17 11.66
CA LYS C 69 43.07 35.06 12.29
C LYS C 69 42.27 36.23 12.87
N PHE C 70 41.60 35.99 14.00
CA PHE C 70 40.75 36.98 14.66
C PHE C 70 41.42 38.18 15.26
N GLY C 71 42.53 37.95 15.95
CA GLY C 71 43.22 39.06 16.57
C GLY C 71 43.01 38.97 18.06
N LYS C 72 42.03 39.69 18.58
CA LYS C 72 41.75 39.69 20.02
C LYS C 72 41.72 38.30 20.63
N ALA C 73 42.30 38.18 21.82
CA ALA C 73 42.33 36.90 22.55
C ALA C 73 40.90 36.44 22.73
N ASP C 74 40.72 35.32 23.42
CA ASP C 74 39.38 34.76 23.63
C ASP C 74 38.99 34.16 22.30
N CYS C 75 38.75 35.04 21.34
CA CYS C 75 38.37 34.62 19.99
C CYS C 75 39.34 33.62 19.38
N ASP C 76 40.62 33.80 19.67
CA ASP C 76 41.64 32.91 19.13
C ASP C 76 42.08 31.84 20.16
N ARG C 77 41.47 31.89 21.32
CA ARG C 77 41.77 30.95 22.40
C ARG C 77 41.01 29.64 22.17
N PRO C 78 41.73 28.51 22.01
CA PRO C 78 41.06 27.22 21.79
C PRO C 78 39.82 27.15 22.67
N PRO C 79 38.65 26.87 22.08
CA PRO C 79 37.39 26.79 22.80
C PRO C 79 37.23 25.52 23.61
N LYS C 80 36.13 25.44 24.34
CA LYS C 80 35.81 24.25 25.14
C LYS C 80 34.31 24.04 24.97
N HIS C 81 33.91 23.11 24.12
CA HIS C 81 32.49 22.87 23.86
C HIS C 81 31.99 21.49 24.31
N SER C 82 30.91 21.49 25.11
CA SER C 82 30.32 20.25 25.65
C SER C 82 28.86 20.02 25.28
N GLN C 83 28.62 18.98 24.49
CA GLN C 83 27.27 18.61 24.03
C GLN C 83 26.24 19.74 23.90
N ASN C 84 25.39 19.92 24.90
CA ASN C 84 24.37 20.97 24.84
C ASN C 84 24.99 22.35 24.63
N GLY C 85 26.32 22.39 24.71
CA GLY C 85 27.04 23.64 24.55
C GLY C 85 26.99 24.44 25.84
N MET C 86 25.98 24.16 26.65
CA MET C 86 25.77 24.83 27.92
C MET C 86 26.60 24.24 29.06
N GLY C 87 27.89 24.01 28.77
CA GLY C 87 28.78 23.47 29.78
C GLY C 87 29.03 24.51 30.85
N LYS C 88 28.73 24.17 32.10
CA LYS C 88 28.89 25.08 33.22
C LYS C 88 30.25 25.76 33.20
N ASP C 89 31.15 25.24 32.37
CA ASP C 89 32.49 25.79 32.27
C ASP C 89 32.88 26.17 30.85
N ASP C 90 32.12 25.65 29.87
CA ASP C 90 32.41 25.93 28.47
C ASP C 90 32.60 27.41 28.11
N HIS C 91 33.29 27.61 27.00
CA HIS C 91 33.58 28.92 26.42
C HIS C 91 33.91 28.63 24.95
N TYR C 92 33.13 29.21 24.04
CA TYR C 92 33.32 28.98 22.61
C TYR C 92 32.71 30.07 21.77
N LEU C 93 32.93 29.94 20.47
CA LEU C 93 32.42 30.90 19.52
C LEU C 93 31.07 30.53 18.93
N LEU C 94 30.16 31.49 18.93
CA LEU C 94 28.84 31.32 18.36
C LEU C 94 28.80 32.09 17.05
N GLU C 95 27.83 31.73 16.20
CA GLU C 95 27.68 32.41 14.93
C GLU C 95 26.20 32.69 14.76
N PHE C 96 25.91 33.83 14.15
CA PHE C 96 24.53 34.22 13.93
C PHE C 96 24.54 35.03 12.65
N PRO C 97 23.46 34.93 11.86
CA PRO C 97 23.39 35.68 10.61
C PRO C 97 23.29 37.19 10.87
N THR C 98 23.93 37.97 10.01
CA THR C 98 23.88 39.41 10.14
C THR C 98 23.78 39.94 8.72
N PHE C 99 23.02 41.02 8.55
CA PHE C 99 22.82 41.58 7.22
C PHE C 99 23.15 43.05 7.14
N PRO C 100 23.47 43.54 5.93
CA PRO C 100 23.80 44.96 5.78
C PRO C 100 22.75 45.88 6.42
N ASP C 101 21.47 45.59 6.22
CA ASP C 101 20.45 46.42 6.83
C ASP C 101 20.37 46.08 8.31
N GLY C 102 21.39 45.37 8.77
CA GLY C 102 21.48 44.97 10.16
C GLY C 102 20.18 44.72 10.89
N HIS C 103 19.25 44.00 10.28
CA HIS C 103 18.00 43.69 10.97
C HIS C 103 18.27 42.43 11.76
N ASP C 104 17.46 42.19 12.79
CA ASP C 104 17.63 41.00 13.61
C ASP C 104 17.02 39.79 12.91
N TYR C 105 17.75 38.67 12.94
CA TYR C 105 17.34 37.42 12.29
C TYR C 105 16.14 36.70 12.92
N LYS C 106 15.25 36.18 12.09
CA LYS C 106 14.10 35.43 12.58
C LYS C 106 14.58 34.03 12.95
N PHE C 107 15.41 33.99 13.99
CA PHE C 107 16.01 32.78 14.52
C PHE C 107 15.11 31.58 14.78
N ASP C 108 13.81 31.79 14.88
CA ASP C 108 12.94 30.66 15.18
C ASP C 108 12.01 30.09 14.14
N SER C 109 12.05 30.58 12.92
CA SER C 109 11.15 30.04 11.91
C SER C 109 11.77 29.08 10.91
N LYS C 110 11.60 27.79 11.15
CA LYS C 110 12.07 26.80 10.21
C LYS C 110 10.74 26.60 9.50
N LYS C 111 10.76 26.23 8.22
CA LYS C 111 9.48 26.03 7.54
C LYS C 111 8.54 27.24 7.71
N PRO C 112 8.76 28.31 6.94
CA PRO C 112 9.87 28.44 5.99
C PRO C 112 11.06 29.09 6.68
N LYS C 113 12.26 28.59 6.41
CA LYS C 113 13.48 29.12 7.03
C LYS C 113 13.93 30.46 6.44
N GLU C 114 13.94 31.52 7.24
CA GLU C 114 14.39 32.83 6.75
C GLU C 114 15.82 32.64 6.25
N ASP C 115 16.10 33.01 5.01
CA ASP C 115 17.44 32.83 4.49
C ASP C 115 18.46 33.63 5.28
N PRO C 116 19.41 32.94 5.93
CA PRO C 116 20.50 33.47 6.76
C PRO C 116 21.57 34.26 6.00
N GLY C 117 21.50 34.26 4.68
CA GLY C 117 22.49 34.99 3.92
C GLY C 117 23.89 34.40 3.97
N PRO C 118 24.88 35.18 3.52
CA PRO C 118 26.30 34.77 3.50
C PRO C 118 27.13 35.11 4.71
N ALA C 119 26.73 36.16 5.43
CA ALA C 119 27.50 36.64 6.59
C ALA C 119 26.96 36.26 7.96
N ARG C 120 27.85 36.25 8.94
CA ARG C 120 27.54 35.92 10.33
C ARG C 120 28.40 36.75 11.28
N VAL C 121 27.86 37.03 12.45
CA VAL C 121 28.61 37.76 13.44
C VAL C 121 29.13 36.69 14.40
N ILE C 122 30.43 36.69 14.65
CA ILE C 122 30.98 35.70 15.55
C ILE C 122 31.25 36.39 16.89
N TYR C 123 30.74 35.82 17.96
CA TYR C 123 30.95 36.38 19.28
C TYR C 123 31.20 35.26 20.28
N THR C 124 31.91 35.60 21.35
CA THR C 124 32.26 34.65 22.38
C THR C 124 31.10 34.15 23.22
N TYR C 125 31.38 33.05 23.92
CA TYR C 125 30.41 32.46 24.81
C TYR C 125 31.05 32.34 26.18
N PRO C 126 30.30 32.67 27.24
CA PRO C 126 28.91 33.16 27.18
C PRO C 126 28.81 34.68 27.29
N ASN C 127 29.93 35.36 27.08
CA ASN C 127 29.97 36.82 27.19
C ASN C 127 29.63 37.63 25.94
N LYS C 128 29.41 36.97 24.82
CA LYS C 128 29.05 37.70 23.61
C LYS C 128 30.07 38.78 23.27
N VAL C 129 31.34 38.40 23.23
CA VAL C 129 32.39 39.34 22.90
C VAL C 129 32.51 39.33 21.39
N PHE C 130 32.17 40.43 20.75
CA PHE C 130 32.26 40.46 19.31
C PHE C 130 33.66 40.04 18.88
N CYS C 131 33.74 39.15 17.90
CA CYS C 131 35.04 38.68 17.39
C CYS C 131 35.31 39.20 15.99
N GLY C 132 34.28 39.13 15.15
CA GLY C 132 34.42 39.58 13.78
C GLY C 132 33.18 39.26 12.97
N ILE C 133 33.24 39.53 11.68
CA ILE C 133 32.14 39.25 10.79
C ILE C 133 32.70 38.52 9.60
N VAL C 134 32.42 37.21 9.56
CA VAL C 134 32.88 36.34 8.48
C VAL C 134 31.71 36.05 7.57
N ALA C 135 32.02 35.52 6.39
CA ALA C 135 30.98 35.20 5.41
C ALA C 135 31.47 34.20 4.41
N HIS C 136 30.53 33.51 3.77
CA HIS C 136 30.87 32.54 2.74
C HIS C 136 31.38 33.29 1.53
N GLN C 137 32.20 32.63 0.72
CA GLN C 137 32.73 33.26 -0.47
C GLN C 137 31.76 33.15 -1.64
N ARG C 138 31.15 31.98 -1.81
CA ARG C 138 30.17 31.76 -2.87
C ARG C 138 28.83 31.45 -2.23
N GLY C 139 27.82 32.27 -2.54
CA GLY C 139 26.50 32.04 -1.99
C GLY C 139 26.40 32.09 -0.49
N ASN C 140 25.45 31.34 0.04
CA ASN C 140 25.21 31.31 1.49
C ASN C 140 25.61 29.95 2.05
N GLN C 141 26.60 29.33 1.44
CA GLN C 141 27.09 28.02 1.86
C GLN C 141 28.61 27.91 1.67
N GLY C 142 29.17 26.80 2.14
CA GLY C 142 30.59 26.59 1.99
C GLY C 142 31.43 26.99 3.19
N ASP C 143 32.71 27.26 2.91
CA ASP C 143 33.69 27.64 3.90
C ASP C 143 33.64 29.13 4.31
N LEU C 144 33.55 29.40 5.61
CA LEU C 144 33.52 30.77 6.12
C LEU C 144 34.88 31.46 6.08
N ARG C 145 34.87 32.77 5.87
CA ARG C 145 36.08 33.57 5.80
C ARG C 145 35.85 34.89 6.51
N LEU C 146 36.86 35.39 7.20
CA LEU C 146 36.78 36.65 7.91
C LEU C 146 36.87 37.80 6.91
N CYS C 147 35.89 38.70 6.91
CA CYS C 147 35.92 39.83 5.98
C CYS C 147 36.84 40.93 6.49
N SER C 148 37.15 41.85 5.58
CA SER C 148 38.00 43.00 5.86
C SER C 148 37.27 44.13 6.59
N HIS C 149 37.99 45.19 6.90
CA HIS C 149 37.41 46.33 7.61
C HIS C 149 38.50 47.39 7.85
N ALA D 1 -36.26 -49.05 -8.13
CA ALA D 1 -35.33 -49.41 -9.25
C ALA D 1 -33.93 -48.98 -8.88
N THR D 2 -32.96 -49.42 -9.68
CA THR D 2 -31.56 -49.09 -9.42
C THR D 2 -30.86 -48.63 -10.68
N TRP D 3 -30.27 -47.44 -10.63
CA TRP D 3 -29.55 -46.89 -11.77
C TRP D 3 -28.07 -47.16 -11.62
N THR D 4 -27.39 -47.32 -12.75
CA THR D 4 -25.97 -47.59 -12.75
C THR D 4 -25.21 -46.62 -13.63
N CYS D 5 -24.30 -45.86 -13.02
CA CYS D 5 -23.50 -44.91 -13.77
C CYS D 5 -22.09 -45.42 -13.60
N ILE D 6 -21.30 -45.38 -14.67
CA ILE D 6 -19.91 -45.80 -14.66
C ILE D 6 -19.07 -44.53 -14.68
N ASN D 7 -18.48 -44.20 -13.55
CA ASN D 7 -17.69 -43.00 -13.41
C ASN D 7 -16.21 -43.29 -13.21
N GLN D 8 -15.41 -42.79 -14.14
CA GLN D 8 -13.97 -42.94 -14.07
C GLN D 8 -13.43 -42.12 -12.91
N GLN D 9 -12.62 -42.74 -12.07
CA GLN D 9 -12.06 -42.04 -10.95
C GLN D 9 -10.55 -42.31 -10.87
N LEU D 10 -9.78 -41.26 -10.61
CA LEU D 10 -8.33 -41.34 -10.53
C LEU D 10 -7.81 -42.03 -9.26
N ASN D 11 -7.31 -43.25 -9.38
CA ASN D 11 -6.77 -43.94 -8.22
C ASN D 11 -5.49 -43.19 -7.84
N PRO D 12 -5.40 -42.72 -6.58
CA PRO D 12 -4.22 -41.98 -6.10
C PRO D 12 -2.89 -42.66 -6.32
N LYS D 13 -2.81 -43.93 -5.97
CA LYS D 13 -1.56 -44.65 -6.11
C LYS D 13 -1.20 -45.13 -7.52
N THR D 14 -2.17 -45.56 -8.31
CA THR D 14 -1.87 -46.00 -9.67
C THR D 14 -1.82 -44.81 -10.61
N ASN D 15 -2.21 -43.65 -10.09
CA ASN D 15 -2.23 -42.39 -10.85
C ASN D 15 -2.99 -42.50 -12.18
N LYS D 16 -3.72 -43.59 -12.38
CA LYS D 16 -4.51 -43.76 -13.60
C LYS D 16 -6.00 -43.68 -13.26
N TRP D 17 -6.84 -43.56 -14.28
CA TRP D 17 -8.27 -43.44 -14.11
C TRP D 17 -8.99 -44.76 -14.32
N GLU D 18 -9.59 -45.30 -13.26
CA GLU D 18 -10.32 -46.56 -13.39
C GLU D 18 -11.82 -46.39 -13.20
N ASP D 19 -12.58 -47.00 -14.11
CA ASP D 19 -14.03 -46.92 -14.08
C ASP D 19 -14.61 -47.51 -12.80
N LYS D 20 -15.45 -46.72 -12.13
CA LYS D 20 -16.11 -47.14 -10.91
C LYS D 20 -17.58 -47.30 -11.25
N ARG D 21 -18.17 -48.44 -10.90
CA ARG D 21 -19.58 -48.66 -11.16
C ARG D 21 -20.34 -48.14 -9.92
N LEU D 22 -21.21 -47.15 -10.09
CA LEU D 22 -21.94 -46.58 -8.97
C LEU D 22 -23.42 -46.88 -9.05
N LEU D 23 -23.99 -47.37 -7.96
CA LEU D 23 -25.40 -47.72 -7.94
C LEU D 23 -26.32 -46.83 -7.12
N TYR D 24 -27.37 -46.32 -7.77
CA TYR D 24 -28.29 -45.44 -7.09
C TYR D 24 -29.71 -45.97 -7.06
N SER D 25 -30.39 -45.69 -5.95
CA SER D 25 -31.77 -46.09 -5.74
C SER D 25 -32.70 -45.04 -6.30
N GLN D 26 -33.52 -45.39 -7.28
CA GLN D 26 -34.42 -44.41 -7.84
C GLN D 26 -35.27 -43.80 -6.75
N ALA D 27 -35.77 -44.65 -5.88
CA ALA D 27 -36.60 -44.22 -4.78
C ALA D 27 -35.89 -43.15 -3.96
N LYS D 28 -34.67 -43.44 -3.53
CA LYS D 28 -33.91 -42.49 -2.73
C LYS D 28 -33.57 -41.20 -3.47
N ALA D 29 -33.35 -41.29 -4.78
CA ALA D 29 -33.03 -40.12 -5.58
C ALA D 29 -34.19 -39.16 -5.56
N GLU D 30 -35.39 -39.69 -5.68
CA GLU D 30 -36.59 -38.87 -5.67
C GLU D 30 -36.72 -38.24 -4.30
N SER D 31 -36.50 -39.03 -3.27
CA SER D 31 -36.56 -38.51 -1.91
C SER D 31 -35.66 -37.29 -1.88
N ASN D 32 -34.46 -37.42 -2.42
CA ASN D 32 -33.51 -36.33 -2.45
C ASN D 32 -34.15 -35.07 -3.03
N SER D 33 -34.75 -35.20 -4.21
CA SER D 33 -35.38 -34.09 -4.91
C SER D 33 -36.48 -33.40 -4.13
N HIS D 34 -37.14 -34.13 -3.25
CA HIS D 34 -38.20 -33.53 -2.47
C HIS D 34 -37.58 -32.73 -1.34
N HIS D 35 -36.68 -33.34 -0.59
CA HIS D 35 -36.03 -32.62 0.50
C HIS D 35 -35.29 -31.35 0.04
N ALA D 36 -35.15 -31.17 -1.28
CA ALA D 36 -34.44 -30.00 -1.79
C ALA D 36 -35.41 -28.90 -2.22
N PRO D 37 -35.11 -27.65 -1.87
CA PRO D 37 -35.94 -26.48 -2.20
C PRO D 37 -36.34 -26.49 -3.65
N LEU D 38 -37.48 -25.87 -3.94
CA LEU D 38 -37.95 -25.81 -5.31
C LEU D 38 -37.50 -24.48 -5.88
N SER D 39 -36.20 -24.38 -6.16
CA SER D 39 -35.64 -23.15 -6.71
C SER D 39 -34.64 -23.48 -7.81
N ASP D 40 -34.10 -22.43 -8.44
CA ASP D 40 -33.10 -22.58 -9.51
C ASP D 40 -31.80 -21.91 -9.08
N GLY D 41 -30.96 -22.66 -8.38
CA GLY D 41 -29.68 -22.16 -7.95
C GLY D 41 -29.65 -20.76 -7.40
N LYS D 42 -29.91 -20.66 -6.10
CA LYS D 42 -29.89 -19.39 -5.39
C LYS D 42 -29.59 -19.86 -3.98
N THR D 43 -28.98 -21.03 -3.93
CA THR D 43 -28.61 -21.67 -2.69
C THR D 43 -27.11 -21.53 -2.47
N GLY D 44 -26.69 -21.74 -1.23
CA GLY D 44 -25.28 -21.64 -0.91
C GLY D 44 -24.41 -22.40 -1.88
N SER D 45 -24.68 -23.69 -2.05
CA SER D 45 -23.91 -24.55 -2.95
C SER D 45 -24.26 -24.39 -4.41
N SER D 46 -25.43 -23.80 -4.69
CA SER D 46 -25.93 -23.56 -6.04
C SER D 46 -26.87 -24.63 -6.55
N TYR D 47 -27.02 -25.71 -5.78
CA TYR D 47 -27.91 -26.79 -6.17
C TYR D 47 -29.14 -26.71 -5.28
N PRO D 48 -30.32 -27.10 -5.81
CA PRO D 48 -30.49 -27.57 -7.18
C PRO D 48 -30.58 -26.41 -8.15
N HIS D 49 -30.34 -26.69 -9.42
CA HIS D 49 -30.44 -25.66 -10.45
C HIS D 49 -30.76 -26.25 -11.81
N TRP D 50 -31.15 -25.39 -12.73
CA TRP D 50 -31.57 -25.76 -14.08
C TRP D 50 -30.66 -26.64 -14.95
N PHE D 51 -31.24 -27.72 -15.45
CA PHE D 51 -30.55 -28.66 -16.32
C PHE D 51 -31.09 -28.40 -17.74
N THR D 52 -30.30 -27.70 -18.55
CA THR D 52 -30.73 -27.36 -19.91
C THR D 52 -30.91 -28.53 -20.86
N ASN D 53 -30.15 -29.58 -20.69
CA ASN D 53 -30.32 -30.73 -21.58
C ASN D 53 -30.18 -30.32 -23.06
N GLY D 54 -29.46 -29.22 -23.30
CA GLY D 54 -29.22 -28.75 -24.65
C GLY D 54 -30.26 -27.84 -25.28
N TYR D 55 -30.94 -27.06 -24.45
CA TYR D 55 -31.98 -26.14 -24.93
C TYR D 55 -31.78 -24.81 -24.23
N ASP D 56 -32.11 -23.72 -24.90
CA ASP D 56 -31.98 -22.42 -24.26
C ASP D 56 -33.23 -22.16 -23.41
N GLY D 57 -33.24 -21.03 -22.71
CA GLY D 57 -34.38 -20.69 -21.87
C GLY D 57 -35.71 -20.62 -22.59
N ASN D 58 -35.70 -20.73 -23.92
CA ASN D 58 -36.94 -20.69 -24.67
C ASN D 58 -37.39 -22.09 -24.94
N GLY D 59 -36.48 -22.90 -25.46
CA GLY D 59 -36.80 -24.26 -25.78
C GLY D 59 -36.14 -24.52 -27.11
N LYS D 60 -35.41 -23.53 -27.59
CA LYS D 60 -34.70 -23.65 -28.85
C LYS D 60 -33.49 -24.56 -28.57
N LEU D 61 -33.25 -25.52 -29.44
CA LEU D 61 -32.13 -26.44 -29.24
C LEU D 61 -30.81 -25.77 -29.56
N ILE D 62 -29.83 -25.88 -28.66
CA ILE D 62 -28.49 -25.30 -28.87
C ILE D 62 -27.84 -26.05 -30.03
N LYS D 63 -27.56 -25.35 -31.13
CA LYS D 63 -26.98 -26.00 -32.30
C LYS D 63 -25.85 -26.94 -31.94
N GLY D 64 -25.88 -28.12 -32.55
CA GLY D 64 -24.85 -29.12 -32.31
C GLY D 64 -24.96 -29.76 -30.94
N ARG D 65 -26.17 -30.15 -30.57
CA ARG D 65 -26.42 -30.79 -29.29
C ARG D 65 -27.55 -31.80 -29.44
N THR D 66 -27.57 -32.79 -28.57
CA THR D 66 -28.60 -33.83 -28.60
C THR D 66 -29.05 -34.04 -27.17
N PRO D 67 -30.32 -33.73 -26.87
CA PRO D 67 -30.87 -33.89 -25.52
C PRO D 67 -30.96 -35.33 -25.07
N ILE D 68 -30.95 -35.51 -23.75
CA ILE D 68 -31.10 -36.83 -23.16
C ILE D 68 -32.57 -37.19 -23.39
N LYS D 69 -32.87 -38.43 -23.72
CA LYS D 69 -34.26 -38.80 -23.92
C LYS D 69 -34.65 -39.50 -22.63
N PHE D 70 -35.48 -38.84 -21.84
CA PHE D 70 -35.88 -39.38 -20.56
C PHE D 70 -36.98 -40.42 -20.51
N GLY D 71 -37.77 -40.53 -21.57
CA GLY D 71 -38.83 -41.53 -21.60
C GLY D 71 -40.09 -41.11 -20.89
N LYS D 72 -40.19 -39.80 -20.61
CA LYS D 72 -41.35 -39.25 -19.94
C LYS D 72 -41.70 -37.87 -20.53
N ALA D 73 -42.95 -37.74 -20.98
CA ALA D 73 -43.46 -36.49 -21.59
C ALA D 73 -42.95 -35.20 -20.92
N ASP D 74 -43.31 -35.00 -19.66
CA ASP D 74 -42.90 -33.82 -18.89
C ASP D 74 -41.39 -33.57 -18.88
N CYS D 75 -40.61 -34.64 -19.05
CA CYS D 75 -39.15 -34.56 -19.04
C CYS D 75 -38.56 -34.24 -20.39
N ASP D 76 -39.10 -34.85 -21.43
CA ASP D 76 -38.59 -34.63 -22.77
C ASP D 76 -39.09 -33.31 -23.38
N ARG D 77 -40.19 -32.80 -22.86
CA ARG D 77 -40.72 -31.55 -23.37
C ARG D 77 -39.67 -30.43 -23.27
N PRO D 78 -39.54 -29.62 -24.33
CA PRO D 78 -38.58 -28.51 -24.37
C PRO D 78 -38.93 -27.55 -23.23
N PRO D 79 -37.91 -26.98 -22.59
CA PRO D 79 -38.14 -26.06 -21.48
C PRO D 79 -38.61 -24.64 -21.75
N LYS D 80 -39.10 -24.01 -20.67
CA LYS D 80 -39.54 -22.62 -20.67
C LYS D 80 -38.91 -22.12 -19.38
N HIS D 81 -37.73 -21.53 -19.52
CA HIS D 81 -36.95 -21.02 -18.40
C HIS D 81 -36.79 -19.51 -18.50
N SER D 82 -37.13 -18.80 -17.42
CA SER D 82 -37.01 -17.35 -17.35
C SER D 82 -35.65 -17.03 -16.76
N GLN D 83 -35.11 -15.85 -17.04
CA GLN D 83 -33.79 -15.52 -16.51
C GLN D 83 -33.56 -16.01 -15.07
N ASN D 84 -34.60 -15.98 -14.24
CA ASN D 84 -34.44 -16.46 -12.85
C ASN D 84 -35.05 -17.85 -12.66
N GLY D 85 -35.82 -18.29 -13.66
CA GLY D 85 -36.43 -19.59 -13.59
C GLY D 85 -37.53 -19.64 -12.55
N MET D 86 -38.48 -18.71 -12.65
CA MET D 86 -39.59 -18.67 -11.71
C MET D 86 -40.83 -18.03 -12.31
N GLY D 87 -40.89 -18.03 -13.64
CA GLY D 87 -42.04 -17.47 -14.32
C GLY D 87 -43.22 -18.41 -14.11
N LYS D 88 -44.38 -17.84 -13.84
CA LYS D 88 -45.59 -18.62 -13.61
C LYS D 88 -45.83 -19.58 -14.75
N ASP D 89 -45.04 -19.44 -15.82
CA ASP D 89 -45.16 -20.31 -16.99
C ASP D 89 -44.04 -21.30 -17.04
N ASP D 90 -42.90 -20.91 -16.48
CA ASP D 90 -41.72 -21.74 -16.49
C ASP D 90 -41.94 -23.22 -16.18
N HIS D 91 -41.19 -24.05 -16.93
CA HIS D 91 -41.20 -25.50 -16.81
C HIS D 91 -39.91 -25.99 -17.45
N TYR D 92 -39.01 -26.49 -16.61
CA TYR D 92 -37.71 -26.98 -17.06
C TYR D 92 -37.20 -28.11 -16.15
N LEU D 93 -36.06 -28.70 -16.52
CA LEU D 93 -35.51 -29.79 -15.71
C LEU D 93 -34.55 -29.24 -14.65
N LEU D 94 -34.34 -29.99 -13.59
CA LEU D 94 -33.44 -29.56 -12.52
C LEU D 94 -32.44 -30.66 -12.16
N GLU D 95 -31.21 -30.26 -11.84
CA GLU D 95 -30.23 -31.24 -11.42
C GLU D 95 -29.89 -30.96 -9.98
N PHE D 96 -29.74 -32.01 -9.21
CA PHE D 96 -29.38 -31.92 -7.81
C PHE D 96 -28.57 -33.19 -7.58
N PRO D 97 -27.47 -33.09 -6.85
CA PRO D 97 -26.61 -34.23 -6.56
C PRO D 97 -27.31 -35.37 -5.86
N THR D 98 -26.92 -36.60 -6.19
CA THR D 98 -27.51 -37.77 -5.54
C THR D 98 -26.37 -38.75 -5.37
N PHE D 99 -26.42 -39.52 -4.30
CA PHE D 99 -25.36 -40.47 -4.00
C PHE D 99 -25.88 -41.85 -3.74
N PRO D 100 -25.02 -42.86 -3.88
CA PRO D 100 -25.46 -44.23 -3.64
C PRO D 100 -26.11 -44.41 -2.26
N ASP D 101 -25.49 -43.87 -1.20
CA ASP D 101 -26.05 -43.99 0.16
C ASP D 101 -27.36 -43.18 0.28
N GLY D 102 -27.66 -42.48 -0.79
CA GLY D 102 -28.88 -41.72 -0.87
C GLY D 102 -28.98 -40.49 -0.01
N HIS D 103 -27.92 -40.16 0.73
CA HIS D 103 -28.00 -39.00 1.60
C HIS D 103 -28.33 -37.69 0.90
N ASP D 104 -29.04 -36.83 1.63
CA ASP D 104 -29.44 -35.52 1.12
C ASP D 104 -28.27 -34.56 1.09
N TYR D 105 -27.99 -34.04 -0.10
CA TYR D 105 -26.90 -33.09 -0.32
C TYR D 105 -27.21 -31.76 0.41
N LYS D 106 -26.21 -31.19 1.07
CA LYS D 106 -26.39 -29.94 1.80
C LYS D 106 -26.34 -28.74 0.87
N PHE D 107 -27.37 -28.60 0.05
CA PHE D 107 -27.46 -27.52 -0.91
C PHE D 107 -27.18 -26.13 -0.39
N ASP D 108 -27.40 -25.87 0.89
CA ASP D 108 -27.17 -24.52 1.41
C ASP D 108 -25.90 -24.38 2.24
N SER D 109 -24.77 -24.66 1.61
CA SER D 109 -23.48 -24.60 2.26
C SER D 109 -22.40 -24.24 1.25
N LYS D 110 -21.88 -23.04 1.37
CA LYS D 110 -20.83 -22.57 0.50
C LYS D 110 -19.74 -22.36 1.54
N LYS D 111 -18.51 -22.75 1.24
CA LYS D 111 -17.44 -22.54 2.22
C LYS D 111 -17.87 -23.09 3.58
N PRO D 112 -17.70 -24.41 3.81
CA PRO D 112 -17.14 -25.38 2.87
C PRO D 112 -18.29 -25.92 2.05
N LYS D 113 -18.05 -26.10 0.76
CA LYS D 113 -19.09 -26.61 -0.14
C LYS D 113 -19.03 -28.13 -0.08
N GLU D 114 -20.18 -28.78 -0.06
CA GLU D 114 -20.17 -30.24 -0.03
C GLU D 114 -19.92 -30.80 -1.44
N ASP D 115 -18.95 -31.71 -1.55
CA ASP D 115 -18.65 -32.29 -2.83
C ASP D 115 -19.92 -32.90 -3.41
N PRO D 116 -20.34 -32.44 -4.58
CA PRO D 116 -21.55 -32.93 -5.24
C PRO D 116 -21.41 -34.27 -5.97
N GLY D 117 -20.19 -34.79 -6.00
CA GLY D 117 -20.00 -36.07 -6.67
C GLY D 117 -20.23 -36.04 -8.16
N PRO D 118 -20.29 -37.22 -8.78
CA PRO D 118 -20.50 -37.36 -10.22
C PRO D 118 -21.93 -37.44 -10.72
N ALA D 119 -22.86 -37.87 -9.87
CA ALA D 119 -24.27 -38.04 -10.27
C ALA D 119 -25.24 -36.97 -9.83
N ARG D 120 -26.35 -36.91 -10.55
CA ARG D 120 -27.41 -35.95 -10.29
C ARG D 120 -28.74 -36.66 -10.56
N VAL D 121 -29.80 -36.15 -9.95
CA VAL D 121 -31.12 -36.71 -10.23
C VAL D 121 -31.76 -35.60 -11.05
N ILE D 122 -32.45 -35.94 -12.12
CA ILE D 122 -33.08 -34.92 -12.94
C ILE D 122 -34.59 -34.96 -12.83
N TYR D 123 -35.15 -33.97 -12.17
CA TYR D 123 -36.59 -33.92 -12.02
C TYR D 123 -37.09 -32.67 -12.69
N THR D 124 -38.40 -32.53 -12.76
CA THR D 124 -39.01 -31.38 -13.41
C THR D 124 -39.27 -30.24 -12.46
N TYR D 125 -39.66 -29.12 -13.07
CA TYR D 125 -40.02 -27.91 -12.35
C TYR D 125 -41.37 -27.56 -12.94
N PRO D 126 -42.38 -27.30 -12.08
CA PRO D 126 -42.33 -27.28 -10.62
C PRO D 126 -42.83 -28.54 -9.92
N ASN D 127 -43.34 -29.48 -10.70
CA ASN D 127 -43.90 -30.72 -10.16
C ASN D 127 -42.90 -31.73 -9.58
N LYS D 128 -41.62 -31.53 -9.84
CA LYS D 128 -40.63 -32.46 -9.33
C LYS D 128 -40.92 -33.86 -9.83
N VAL D 129 -41.03 -34.02 -11.15
CA VAL D 129 -41.26 -35.34 -11.73
C VAL D 129 -39.93 -35.99 -12.05
N PHE D 130 -39.72 -37.17 -11.47
CA PHE D 130 -38.46 -37.89 -11.66
C PHE D 130 -38.24 -38.23 -13.13
N CYS D 131 -37.15 -37.72 -13.69
CA CYS D 131 -36.80 -37.99 -15.08
C CYS D 131 -35.78 -39.11 -15.15
N GLY D 132 -34.66 -38.93 -14.46
CA GLY D 132 -33.65 -39.97 -14.44
C GLY D 132 -32.40 -39.58 -13.69
N ILE D 133 -31.37 -40.40 -13.85
CA ILE D 133 -30.09 -40.15 -13.24
C ILE D 133 -29.00 -40.15 -14.31
N VAL D 134 -28.25 -39.08 -14.32
CA VAL D 134 -27.15 -38.89 -15.23
C VAL D 134 -25.94 -38.65 -14.36
N ALA D 135 -24.75 -38.75 -14.94
CA ALA D 135 -23.56 -38.52 -14.16
C ALA D 135 -22.43 -38.21 -15.11
N HIS D 136 -21.38 -37.57 -14.59
CA HIS D 136 -20.21 -37.24 -15.40
C HIS D 136 -19.50 -38.54 -15.67
N GLN D 137 -18.72 -38.58 -16.75
CA GLN D 137 -17.97 -39.79 -17.10
C GLN D 137 -16.65 -39.89 -16.38
N ARG D 138 -15.91 -38.79 -16.35
CA ARG D 138 -14.63 -38.80 -15.69
C ARG D 138 -14.67 -37.91 -14.48
N GLY D 139 -14.57 -38.53 -13.32
CA GLY D 139 -14.60 -37.78 -12.09
C GLY D 139 -15.83 -36.93 -11.99
N ASN D 140 -15.64 -35.64 -11.80
CA ASN D 140 -16.78 -34.76 -11.65
C ASN D 140 -16.82 -33.65 -12.68
N GLN D 141 -16.43 -33.92 -13.91
CA GLN D 141 -16.46 -32.87 -14.92
C GLN D 141 -16.99 -33.33 -16.26
N GLY D 142 -17.12 -32.36 -17.17
CA GLY D 142 -17.64 -32.66 -18.49
C GLY D 142 -19.15 -32.52 -18.42
N ASP D 143 -19.87 -33.19 -19.30
CA ASP D 143 -21.30 -33.10 -19.23
C ASP D 143 -21.79 -34.25 -18.39
N LEU D 144 -23.11 -34.41 -18.35
CA LEU D 144 -23.72 -35.48 -17.60
C LEU D 144 -24.35 -36.43 -18.61
N ARG D 145 -24.23 -37.73 -18.40
CA ARG D 145 -24.82 -38.68 -19.35
C ARG D 145 -25.75 -39.66 -18.65
N LEU D 146 -26.92 -39.86 -19.21
CA LEU D 146 -27.91 -40.75 -18.62
C LEU D 146 -27.34 -42.09 -18.18
N CYS D 147 -27.81 -42.58 -17.04
CA CYS D 147 -27.32 -43.86 -16.55
C CYS D 147 -28.38 -44.89 -16.81
N SER D 148 -28.00 -46.15 -16.68
CA SER D 148 -28.88 -47.27 -16.94
C SER D 148 -29.65 -47.77 -15.73
N HIS D 149 -30.79 -48.41 -15.98
CA HIS D 149 -31.62 -48.97 -14.92
C HIS D 149 -32.40 -50.14 -15.51
K K E . 9.85 12.02 6.63
K K F . 24.05 21.01 18.04
K K G . 5.49 7.89 8.18
K K H . -28.75 -18.89 -12.35
K K I . -10.80 -5.68 -1.59
K K J . -12.28 -11.11 -4.41
#